data_7HK0
#
_entry.id   7HK0
#
_cell.length_a   26.062
_cell.length_b   47.196
_cell.length_c   46.467
_cell.angle_alpha   90.000
_cell.angle_beta   103.090
_cell.angle_gamma   90.000
#
_symmetry.space_group_name_H-M   'P 1 21 1'
#
loop_
_entity.id
_entity.type
_entity.pdbx_description
1 polymer 'De novo designed ABLE protein'
2 non-polymer 6-bromanyl-1,3-benzothiazol-2-amine
3 water water
#
_entity_poly.entity_id   1
_entity_poly.type   'polypeptide(L)'
_entity_poly.pdbx_seq_one_letter_code
;SVKSEYAEAAAVGQEAVAVFNTMKAAFQNGDKEAVAQYLARLASLYTRHEELLNRILEKARREGNKEAVTLMNEFTATFQ
TGKSIFNAMVAAFKNGDDDSFESYLQALEKVTAKGETLADQIAKAL
;
_entity_poly.pdbx_strand_id   A
#
loop_
_chem_comp.id
_chem_comp.type
_chem_comp.name
_chem_comp.formula
A1H0M non-polymer 6-bromanyl-1,3-benzothiazol-2-amine 'C7 H5 Br N2 S'
#
# COMPACT_ATOMS: atom_id res chain seq x y z
N SER A 1 7.29 -7.03 20.03
N SER A 1 7.72 -7.18 19.96
CA SER A 1 8.13 -5.84 19.83
CA SER A 1 8.25 -5.80 19.88
C SER A 1 7.62 -5.02 18.66
C SER A 1 7.69 -5.04 18.68
N VAL A 2 8.08 -3.78 18.58
CA VAL A 2 7.70 -2.97 17.43
C VAL A 2 8.30 -3.58 16.17
N LYS A 3 9.46 -4.24 16.29
N LYS A 3 9.45 -4.24 16.29
CA LYS A 3 10.08 -4.84 15.12
CA LYS A 3 10.08 -4.84 15.12
C LYS A 3 9.24 -6.02 14.62
C LYS A 3 9.27 -6.04 14.62
N SER A 4 8.73 -6.86 15.52
CA SER A 4 7.88 -7.96 15.10
C SER A 4 6.53 -7.45 14.59
N GLU A 5 6.03 -6.36 15.13
CA GLU A 5 4.83 -5.76 14.60
C GLU A 5 5.06 -5.26 13.17
N TYR A 6 6.26 -4.75 12.89
CA TYR A 6 6.53 -4.29 11.52
C TYR A 6 6.63 -5.48 10.57
N ALA A 7 7.20 -6.60 11.02
CA ALA A 7 7.25 -7.79 10.16
C ALA A 7 5.84 -8.30 9.84
N GLU A 8 4.92 -8.22 10.80
N GLU A 8 4.92 -8.20 10.80
CA GLU A 8 3.54 -8.57 10.55
CA GLU A 8 3.53 -8.56 10.57
C GLU A 8 2.93 -7.60 9.54
C GLU A 8 2.86 -7.59 9.60
N ALA A 9 3.14 -6.30 9.74
CA ALA A 9 2.67 -5.32 8.78
C ALA A 9 3.25 -5.57 7.40
N ALA A 10 4.54 -5.91 7.33
CA ALA A 10 5.16 -6.17 6.03
C ALA A 10 4.50 -7.37 5.33
N ALA A 11 4.12 -8.38 6.10
CA ALA A 11 3.48 -9.53 5.47
C ALA A 11 2.12 -9.14 4.91
N VAL A 12 1.36 -8.34 5.65
CA VAL A 12 0.07 -7.88 5.13
C VAL A 12 0.29 -7.10 3.84
N GLY A 13 1.33 -6.26 3.81
CA GLY A 13 1.68 -5.57 2.58
C GLY A 13 1.97 -6.51 1.42
N GLN A 14 2.73 -7.60 1.68
CA GLN A 14 3.02 -8.57 0.62
C GLN A 14 1.77 -9.31 0.18
N GLU A 15 0.81 -9.53 1.08
CA GLU A 15 -0.45 -10.15 0.67
C GLU A 15 -1.17 -9.26 -0.34
N ALA A 16 -1.17 -7.96 -0.10
CA ALA A 16 -1.79 -7.06 -1.07
C ALA A 16 -1.04 -7.08 -2.39
N VAL A 17 0.29 -7.17 -2.37
CA VAL A 17 1.02 -7.28 -3.63
C VAL A 17 0.54 -8.50 -4.40
N ALA A 18 0.37 -9.62 -3.69
CA ALA A 18 -0.04 -10.84 -4.36
C ALA A 18 -1.44 -10.70 -4.97
N VAL A 19 -2.38 -10.20 -4.19
CA VAL A 19 -3.74 -10.03 -4.68
C VAL A 19 -3.78 -9.02 -5.83
N PHE A 20 -2.97 -7.96 -5.71
CA PHE A 20 -2.93 -6.95 -6.77
C PHE A 20 -2.50 -7.55 -8.10
N ASN A 21 -1.47 -8.40 -8.09
N ASN A 21 -1.45 -8.38 -8.08
CA ASN A 21 -1.03 -9.01 -9.34
CA ASN A 21 -0.98 -8.98 -9.31
C ASN A 21 -2.11 -9.92 -9.92
C ASN A 21 -1.95 -10.03 -9.84
N THR A 22 -2.76 -10.72 -9.09
N THR A 22 -2.77 -10.61 -8.98
CA THR A 22 -3.88 -11.52 -9.55
CA THR A 22 -3.84 -11.50 -9.43
C THR A 22 -4.96 -10.62 -10.16
C THR A 22 -5.02 -10.71 -9.97
N MET A 23 -5.25 -9.50 -9.50
N MET A 23 -5.24 -9.50 -9.45
CA MET A 23 -6.27 -8.57 -9.96
CA MET A 23 -6.26 -8.61 -9.98
C MET A 23 -5.90 -7.96 -11.31
C MET A 23 -5.87 -8.07 -11.35
N LYS A 24 -4.61 -7.66 -11.50
CA LYS A 24 -4.14 -7.12 -12.78
C LYS A 24 -4.36 -8.13 -13.89
N ALA A 25 -4.06 -9.41 -13.63
CA ALA A 25 -4.30 -10.45 -14.63
C ALA A 25 -5.79 -10.55 -14.96
N ALA A 26 -6.64 -10.53 -13.95
CA ALA A 26 -8.09 -10.59 -14.16
C ALA A 26 -8.57 -9.42 -15.00
N PHE A 27 -8.09 -8.20 -14.70
CA PHE A 27 -8.46 -7.02 -15.48
C PHE A 27 -8.06 -7.19 -16.93
N GLN A 28 -6.81 -7.61 -17.16
CA GLN A 28 -6.38 -7.79 -18.54
C GLN A 28 -7.25 -8.80 -19.24
N ASN A 29 -7.69 -9.84 -18.52
CA ASN A 29 -8.54 -10.86 -19.15
C ASN A 29 -10.01 -10.47 -19.27
N GLY A 30 -10.43 -9.35 -18.69
CA GLY A 30 -11.80 -8.92 -18.78
C GLY A 30 -12.74 -9.60 -17.82
N ASP A 31 -12.22 -10.24 -16.76
CA ASP A 31 -13.02 -10.97 -15.78
C ASP A 31 -13.40 -9.97 -14.68
N LYS A 32 -14.43 -9.17 -14.99
CA LYS A 32 -14.77 -8.05 -14.11
C LYS A 32 -15.35 -8.53 -12.80
N GLU A 33 -15.98 -9.71 -12.78
N GLU A 33 -16.02 -9.68 -12.80
CA GLU A 33 -16.50 -10.23 -11.52
CA GLU A 33 -16.50 -10.24 -11.53
C GLU A 33 -15.36 -10.55 -10.56
C GLU A 33 -15.34 -10.48 -10.58
N ALA A 34 -14.27 -11.10 -11.08
CA ALA A 34 -13.11 -11.34 -10.25
C ALA A 34 -12.49 -10.02 -9.82
N VAL A 35 -12.34 -9.09 -10.76
CA VAL A 35 -11.73 -7.81 -10.41
C VAL A 35 -12.48 -7.16 -9.24
N ALA A 36 -13.81 -7.11 -9.32
CA ALA A 36 -14.57 -6.50 -8.23
C ALA A 36 -14.24 -7.13 -6.87
N GLN A 37 -14.16 -8.46 -6.84
CA GLN A 37 -13.86 -9.13 -5.59
C GLN A 37 -12.44 -8.84 -5.12
N TYR A 38 -11.47 -8.87 -6.03
CA TYR A 38 -10.10 -8.54 -5.65
C TYR A 38 -9.99 -7.10 -5.14
N LEU A 39 -10.71 -6.16 -5.76
N LEU A 39 -10.74 -6.17 -5.73
CA LEU A 39 -10.67 -4.79 -5.29
CA LEU A 39 -10.66 -4.78 -5.28
C LEU A 39 -11.18 -4.67 -3.86
C LEU A 39 -11.26 -4.59 -3.89
N ALA A 40 -12.28 -5.37 -3.54
CA ALA A 40 -12.78 -5.37 -2.16
C ALA A 40 -11.75 -5.96 -1.21
N ARG A 41 -11.11 -7.06 -1.62
N ARG A 41 -11.12 -7.07 -1.61
CA ARG A 41 -10.08 -7.70 -0.79
CA ARG A 41 -10.10 -7.67 -0.75
C ARG A 41 -8.88 -6.78 -0.59
C ARG A 41 -8.95 -6.70 -0.52
N LEU A 42 -8.54 -5.98 -1.62
N LEU A 42 -8.35 -6.21 -1.62
CA LEU A 42 -7.49 -4.99 -1.49
CA LEU A 42 -7.23 -5.28 -1.55
C LEU A 42 -7.90 -3.86 -0.57
C LEU A 42 -7.50 -4.11 -0.63
N ALA A 43 -9.18 -3.45 -0.60
N ALA A 43 -8.66 -3.45 -0.78
CA ALA A 43 -9.59 -2.35 0.27
CA ALA A 43 -8.99 -2.35 0.11
C ALA A 43 -9.42 -2.74 1.73
C ALA A 43 -8.91 -2.79 1.57
N SER A 44 -9.84 -3.95 2.08
N SER A 44 -9.36 -4.01 1.86
CA SER A 44 -9.73 -4.40 3.46
CA SER A 44 -9.27 -4.54 3.22
C SER A 44 -8.27 -4.57 3.87
C SER A 44 -7.81 -4.68 3.64
N LEU A 45 -7.44 -5.08 2.95
N LEU A 45 -6.97 -5.26 2.78
CA LEU A 45 -6.02 -5.25 3.24
CA LEU A 45 -5.58 -5.48 3.13
C LEU A 45 -5.32 -3.91 3.47
C LEU A 45 -4.82 -4.16 3.28
N TYR A 46 -5.54 -2.96 2.56
N TYR A 46 -5.15 -3.18 2.44
CA TYR A 46 -4.93 -1.64 2.74
CA TYR A 46 -4.49 -1.88 2.52
C TYR A 46 -5.44 -0.98 4.01
C TYR A 46 -4.89 -1.14 3.79
N THR A 47 -6.73 -1.10 4.30
N THR A 47 -6.16 -1.25 4.18
CA THR A 47 -7.26 -0.53 5.53
CA THR A 47 -6.57 -0.64 5.45
C THR A 47 -6.53 -1.08 6.75
C THR A 47 -5.87 -1.33 6.63
N ARG A 48 -6.31 -2.39 6.78
N ARG A 48 -5.81 -2.66 6.63
CA ARG A 48 -5.57 -3.02 7.89
CA ARG A 48 -5.10 -3.36 7.70
C ARG A 48 -4.12 -2.55 7.89
C ARG A 48 -3.65 -2.93 7.76
N HIS A 49 -3.45 -2.62 6.74
N HIS A 49 -2.99 -2.80 6.61
CA HIS A 49 -2.06 -2.17 6.67
CA HIS A 49 -1.59 -2.40 6.61
C HIS A 49 -1.94 -0.75 7.22
C HIS A 49 -1.42 -0.99 7.18
N GLU A 50 -2.82 0.14 6.77
N GLU A 50 -2.29 -0.05 6.77
CA GLU A 50 -2.78 1.53 7.21
CA GLU A 50 -2.18 1.32 7.27
C GLU A 50 -2.81 1.60 8.73
C GLU A 50 -2.43 1.39 8.77
N GLU A 51 -3.58 0.72 9.37
N GLU A 51 -3.53 0.77 9.24
CA GLU A 51 -3.68 0.75 10.83
CA GLU A 51 -3.84 0.81 10.67
C GLU A 51 -2.40 0.26 11.51
C GLU A 51 -2.67 0.27 11.49
N LEU A 52 -1.85 -0.88 11.05
N LEU A 52 -1.98 -0.76 10.98
CA LEU A 52 -0.61 -1.39 11.61
CA LEU A 52 -0.84 -1.32 11.69
C LEU A 52 0.52 -0.37 11.50
C LEU A 52 0.37 -0.40 11.63
N LEU A 53 0.55 0.36 10.38
N LEU A 53 0.66 0.16 10.45
CA LEU A 53 1.58 1.35 10.16
CA LEU A 53 1.75 1.12 10.33
C LEU A 53 1.42 2.52 11.12
C LEU A 53 1.57 2.27 11.30
N ASN A 54 0.17 2.90 11.40
N ASN A 54 0.35 2.79 11.42
CA ASN A 54 -0.06 3.99 12.34
CA ASN A 54 0.13 3.93 12.29
C ASN A 54 0.37 3.58 13.75
C ASN A 54 0.42 3.56 13.74
N ARG A 55 0.05 2.35 14.13
CA ARG A 55 0.40 1.90 15.47
C ARG A 55 1.91 1.83 15.65
N ILE A 56 2.61 1.40 14.61
CA ILE A 56 4.06 1.33 14.65
C ILE A 56 4.66 2.72 14.76
N LEU A 57 4.16 3.66 13.96
CA LEU A 57 4.68 5.03 14.02
C LEU A 57 4.42 5.63 15.38
N GLU A 58 3.19 5.50 15.89
CA GLU A 58 2.91 6.02 17.24
C GLU A 58 3.83 5.40 18.30
N LYS A 59 4.10 4.10 18.19
CA LYS A 59 4.97 3.45 19.16
C LYS A 59 6.41 3.95 19.04
N ALA A 60 6.92 4.08 17.82
CA ALA A 60 8.26 4.63 17.64
C ALA A 60 8.35 6.04 18.23
N ARG A 61 7.28 6.83 18.11
CA ARG A 61 7.29 8.16 18.72
C ARG A 61 7.37 8.08 20.24
N ARG A 62 6.59 7.17 20.83
CA ARG A 62 6.59 7.05 22.28
C ARG A 62 7.95 6.54 22.79
N GLU A 63 8.61 5.73 21.97
CA GLU A 63 9.93 5.20 22.30
C GLU A 63 11.05 6.20 22.06
N GLY A 64 10.75 7.34 21.43
CA GLY A 64 11.76 8.33 21.11
C GLY A 64 12.73 7.92 20.02
N ASN A 65 12.32 7.02 19.12
CA ASN A 65 13.24 6.48 18.12
C ASN A 65 13.20 7.42 16.94
N LYS A 66 13.98 8.49 17.03
N LYS A 66 13.98 8.49 17.03
CA LYS A 66 13.84 9.59 16.07
CA LYS A 66 13.85 9.59 16.07
C LYS A 66 14.04 9.13 14.64
C LYS A 66 14.03 9.12 14.65
N GLU A 67 15.06 8.30 14.39
CA GLU A 67 15.29 7.89 13.00
C GLU A 67 14.13 7.06 12.48
N ALA A 68 13.61 6.12 13.28
CA ALA A 68 12.47 5.35 12.80
C ALA A 68 11.25 6.24 12.57
N VAL A 69 11.06 7.27 13.40
CA VAL A 69 9.93 8.17 13.21
C VAL A 69 10.07 8.93 11.89
N THR A 70 11.27 9.46 11.60
CA THR A 70 11.51 10.14 10.33
C THR A 70 11.14 9.26 9.15
N LEU A 71 11.67 8.02 9.12
CA LEU A 71 11.41 7.11 8.01
C LEU A 71 9.93 6.75 7.92
N MET A 72 9.29 6.50 9.06
CA MET A 72 7.87 6.15 9.04
C MET A 72 6.98 7.32 8.64
N ASN A 73 7.33 8.55 9.05
CA ASN A 73 6.61 9.70 8.51
C ASN A 73 6.70 9.78 6.99
N GLU A 74 7.90 9.56 6.43
N GLU A 74 7.90 9.56 6.43
CA GLU A 74 8.05 9.57 4.98
CA GLU A 74 8.00 9.54 4.96
C GLU A 74 7.32 8.39 4.34
C GLU A 74 7.13 8.42 4.38
N PHE A 75 7.32 7.25 5.01
N PHE A 75 7.29 7.21 4.90
CA PHE A 75 6.70 6.06 4.43
CA PHE A 75 6.60 6.06 4.32
C PHE A 75 5.18 6.18 4.42
C PHE A 75 5.09 6.19 4.47
N THR A 76 4.59 6.59 5.55
N THR A 76 4.61 6.72 5.61
CA THR A 76 3.13 6.75 5.61
CA THR A 76 3.17 6.91 5.78
C THR A 76 2.66 7.79 4.59
C THR A 76 2.62 8.04 4.93
N ALA A 77 3.43 8.85 4.37
N ALA A 77 3.47 8.99 4.52
CA ALA A 77 3.07 9.82 3.35
CA ALA A 77 3.04 9.99 3.54
C ALA A 77 3.03 9.16 1.96
C ALA A 77 2.75 9.33 2.21
N THR A 78 4.03 8.34 1.66
N THR A 78 3.69 8.49 1.74
CA THR A 78 4.02 7.62 0.39
CA THR A 78 3.53 7.83 0.45
C THR A 78 2.89 6.63 0.34
C THR A 78 2.36 6.86 0.46
N PHE A 79 2.59 5.94 1.45
N PHE A 79 2.02 6.30 1.62
CA PHE A 79 1.44 5.05 1.52
CA PHE A 79 0.88 5.40 1.68
C PHE A 79 0.16 5.79 1.11
C PHE A 79 -0.42 6.14 1.38
N GLN A 80 -0.01 7.02 1.58
N GLN A 80 -0.47 7.44 1.69
CA GLN A 80 -1.23 7.77 1.24
CA GLN A 80 -1.66 8.24 1.36
C GLN A 80 -1.27 8.13 -0.24
C GLN A 80 -1.73 8.54 -0.13
N THR A 81 -0.10 8.33 -0.87
N THR A 81 -0.58 8.66 -0.80
CA THR A 81 -0.08 8.48 -2.32
CA THR A 81 -0.60 8.76 -2.27
C THR A 81 -0.63 7.23 -2.99
C THR A 81 -1.18 7.49 -2.87
N GLY A 82 -0.18 6.07 -2.54
N GLY A 82 -0.71 6.33 -2.41
CA GLY A 82 -0.70 4.82 -3.10
CA GLY A 82 -1.31 5.09 -2.84
C GLY A 82 -2.18 4.67 -2.85
C GLY A 82 -2.80 5.07 -2.63
N LYS A 83 -2.64 5.04 -1.65
N LYS A 83 -3.26 5.56 -1.47
CA LYS A 83 -4.05 4.91 -1.31
CA LYS A 83 -4.68 5.60 -1.17
C LYS A 83 -4.92 5.80 -2.21
C LYS A 83 -5.43 6.44 -2.21
N SER A 84 -4.48 7.01 -2.50
N SER A 84 -4.97 7.66 -2.47
CA SER A 84 -5.27 7.88 -3.36
CA SER A 84 -5.69 8.53 -3.39
C SER A 84 -5.35 7.30 -4.78
C SER A 84 -5.75 7.90 -4.78
N ILE A 85 -4.25 6.74 -5.27
N ILE A 85 -4.65 7.31 -5.24
CA ILE A 85 -4.24 6.16 -6.60
CA ILE A 85 -4.65 6.69 -6.56
C ILE A 85 -5.13 4.92 -6.65
C ILE A 85 -5.50 5.42 -6.56
N PHE A 86 -5.07 4.08 -5.61
N PHE A 86 -5.38 4.60 -5.51
CA PHE A 86 -5.96 2.93 -5.51
CA PHE A 86 -6.18 3.38 -5.43
C PHE A 86 -7.41 3.35 -5.58
C PHE A 86 -7.67 3.69 -5.45
N ASN A 87 -7.79 4.36 -4.78
N ASN A 87 -8.10 4.66 -4.63
CA ASN A 87 -9.18 4.76 -4.71
CA ASN A 87 -9.49 5.07 -4.68
C ASN A 87 -9.65 5.29 -6.06
C ASN A 87 -9.88 5.55 -6.07
N ALA A 88 -8.85 6.11 -6.73
N ALA A 88 -8.94 6.17 -6.79
CA ALA A 88 -9.23 6.54 -8.08
CA ALA A 88 -9.23 6.59 -8.16
C ALA A 88 -9.39 5.36 -9.01
C ALA A 88 -9.31 5.40 -9.12
N MET A 89 -8.53 4.35 -8.87
CA MET A 89 -8.64 3.15 -9.68
C MET A 89 -9.99 2.47 -9.48
N VAL A 90 -10.41 2.34 -8.21
CA VAL A 90 -11.71 1.75 -7.89
C VAL A 90 -12.83 2.53 -8.56
N ALA A 91 -12.72 3.85 -8.53
CA ALA A 91 -13.73 4.71 -9.18
C ALA A 91 -13.73 4.50 -10.68
N ALA A 92 -12.55 4.39 -11.29
CA ALA A 92 -12.48 4.09 -12.72
C ALA A 92 -13.15 2.77 -13.05
N PHE A 93 -13.00 1.77 -12.19
CA PHE A 93 -13.67 0.50 -12.42
C PHE A 93 -15.18 0.65 -12.34
N LYS A 94 -15.66 1.33 -11.30
N LYS A 94 -15.66 1.33 -11.30
CA LYS A 94 -17.10 1.60 -11.18
CA LYS A 94 -17.09 1.60 -11.16
C LYS A 94 -17.64 2.31 -12.40
C LYS A 94 -17.64 2.32 -12.39
N ASN A 95 -16.87 3.26 -12.93
CA ASN A 95 -17.30 4.05 -14.08
C ASN A 95 -17.13 3.34 -15.42
N GLY A 96 -16.51 2.17 -15.44
CA GLY A 96 -16.19 1.52 -16.71
C GLY A 96 -15.12 2.22 -17.53
N ASP A 97 -14.21 2.97 -16.90
CA ASP A 97 -13.20 3.71 -17.64
C ASP A 97 -11.90 2.90 -17.61
N ASP A 98 -11.74 2.00 -18.58
CA ASP A 98 -10.58 1.13 -18.56
C ASP A 98 -9.30 1.89 -18.86
N ASP A 99 -9.39 2.99 -19.61
CA ASP A 99 -8.20 3.80 -19.84
C ASP A 99 -7.68 4.36 -18.53
N SER A 100 -8.56 4.96 -17.73
CA SER A 100 -8.10 5.48 -16.44
C SER A 100 -7.68 4.34 -15.51
N PHE A 101 -8.39 3.22 -15.54
CA PHE A 101 -8.00 2.09 -14.68
C PHE A 101 -6.57 1.68 -14.96
N GLU A 102 -6.22 1.53 -16.24
CA GLU A 102 -4.87 1.19 -16.65
C GLU A 102 -3.86 2.19 -16.13
N SER A 103 -4.12 3.49 -16.34
CA SER A 103 -3.21 4.54 -15.88
C SER A 103 -2.97 4.44 -14.38
N TYR A 104 -4.06 4.39 -13.60
N TYR A 104 -4.04 4.57 -13.59
CA TYR A 104 -3.91 4.25 -12.16
CA TYR A 104 -3.89 4.57 -12.14
C TYR A 104 -3.18 2.97 -11.77
C TYR A 104 -3.21 3.29 -11.66
N LEU A 105 -3.43 1.87 -12.48
N LEU A 105 -3.51 2.17 -12.29
CA LEU A 105 -2.80 0.60 -12.11
CA LEU A 105 -2.87 0.91 -11.90
C LEU A 105 -1.27 0.71 -12.20
C LEU A 105 -1.36 0.97 -12.15
N GLN A 106 -0.77 1.24 -13.33
N GLN A 106 -0.96 1.54 -13.29
CA GLN A 106 0.67 1.40 -13.51
CA GLN A 106 0.46 1.76 -13.56
C GLN A 106 1.25 2.40 -12.52
C GLN A 106 1.08 2.69 -12.53
N ALA A 107 0.53 3.50 -12.27
N ALA A 107 0.34 3.72 -12.12
CA ALA A 107 1.01 4.49 -11.30
CA ALA A 107 0.85 4.65 -11.10
C ALA A 107 1.14 3.89 -9.92
C ALA A 107 1.07 3.93 -9.78
N LEU A 108 0.16 3.06 -9.52
N LEU A 108 0.15 3.06 -9.38
CA LEU A 108 0.23 2.43 -8.20
CA LEU A 108 0.29 2.37 -8.10
C LEU A 108 1.38 1.43 -8.13
C LEU A 108 1.53 1.49 -8.09
N GLU A 109 1.70 0.79 -9.26
N GLU A 109 1.79 0.79 -9.19
CA GLU A 109 2.88 -0.07 -9.30
CA GLU A 109 2.95 -0.09 -9.27
C GLU A 109 4.16 0.73 -9.11
C GLU A 109 4.23 0.68 -9.02
N LYS A 110 4.26 1.90 -9.75
N LYS A 110 4.35 1.88 -9.58
CA LYS A 110 5.49 2.67 -9.67
CA LYS A 110 5.59 2.64 -9.46
C LYS A 110 5.67 3.29 -8.28
C LYS A 110 5.69 3.38 -8.13
N VAL A 111 4.60 3.92 -7.76
N VAL A 111 4.56 3.63 -7.46
CA VAL A 111 4.62 4.45 -6.40
CA VAL A 111 4.62 4.11 -6.07
C VAL A 111 5.06 3.37 -5.42
C VAL A 111 5.07 2.97 -5.15
N THR A 112 4.62 2.13 -5.63
N THR A 112 4.59 1.76 -5.42
CA THR A 112 4.92 1.04 -4.71
CA THR A 112 4.99 0.61 -4.61
C THR A 112 6.37 0.60 -4.84
C THR A 112 6.46 0.30 -4.81
N ALA A 113 6.84 0.39 -6.06
N ALA A 113 6.94 0.32 -6.06
CA ALA A 113 8.21 -0.07 -6.26
CA ALA A 113 8.34 0.01 -6.33
C ALA A 113 9.21 0.95 -5.73
C ALA A 113 9.26 1.09 -5.76
N LYS A 114 8.91 2.25 -5.88
N LYS A 114 8.91 2.37 -5.93
CA LYS A 114 9.80 3.28 -5.35
CA LYS A 114 9.75 3.44 -5.42
C LYS A 114 9.92 3.17 -3.84
C LYS A 114 9.82 3.41 -3.90
N GLY A 115 8.81 2.94 -3.16
N GLY A 115 8.74 3.02 -3.23
CA GLY A 115 8.81 2.97 -1.71
CA GLY A 115 8.75 2.95 -1.79
C GLY A 115 9.40 1.76 -1.03
C GLY A 115 9.55 1.80 -1.22
N GLU A 116 10.04 0.87 -1.80
N GLU A 116 10.00 0.86 -2.05
CA GLU A 116 10.51 -0.38 -1.24
CA GLU A 116 10.67 -0.34 -1.53
C GLU A 116 11.81 -0.23 -0.47
C GLU A 116 11.89 0.03 -0.69
N THR A 117 12.76 0.53 -1.00
N THR A 117 12.62 1.07 -1.08
CA THR A 117 14.02 0.70 -0.29
CA THR A 117 13.80 1.43 -0.30
C THR A 117 13.79 1.31 1.09
C THR A 117 13.39 1.89 1.10
N LEU A 118 12.82 2.21 1.20
N LEU A 118 12.42 2.78 1.20
CA LEU A 118 12.46 2.79 2.49
CA LEU A 118 11.96 3.25 2.50
C LEU A 118 11.78 1.76 3.39
C LEU A 118 11.45 2.09 3.36
N ALA A 119 10.92 0.91 2.81
N ALA A 119 10.64 1.21 2.77
CA ALA A 119 10.31 -0.16 3.60
CA ALA A 119 10.13 0.08 3.53
C ALA A 119 11.37 -1.00 4.29
C ALA A 119 11.27 -0.77 4.07
N ASP A 120 12.41 -1.40 3.55
N ASP A 120 12.34 -0.94 3.29
CA ASP A 120 13.49 -2.15 4.18
CA ASP A 120 13.44 -1.80 3.72
C ASP A 120 14.21 -1.31 5.23
C ASP A 120 14.35 -1.13 4.75
N GLN A 121 14.50 -0.03 4.91
N GLN A 121 14.42 0.21 4.78
CA GLN A 121 15.20 0.82 5.86
CA GLN A 121 15.17 0.88 5.83
C GLN A 121 14.45 0.91 7.19
C GLN A 121 14.45 0.78 7.17
N ILE A 122 13.12 0.89 7.15
CA ILE A 122 12.36 0.96 8.39
C ILE A 122 12.57 -0.30 9.23
N ALA A 123 12.53 -1.48 8.60
CA ALA A 123 12.77 -2.70 9.35
C ALA A 123 14.07 -2.61 10.15
N LYS A 124 15.12 -2.06 9.54
N LYS A 124 15.12 -2.06 9.54
CA LYS A 124 16.41 -2.02 10.21
CA LYS A 124 16.43 -1.98 10.17
C LYS A 124 16.41 -0.97 11.32
C LYS A 124 16.51 -0.88 11.22
N ALA A 125 15.61 0.08 11.18
CA ALA A 125 15.66 1.19 12.13
C ALA A 125 14.90 0.92 13.43
N LEU A 126 13.89 0.07 13.40
CA LEU A 126 12.99 -0.08 14.54
C LEU A 126 13.63 -0.80 15.71
C1 A1H0M B . -5.93 3.20 2.84
C2 A1H0M B . -5.31 2.35 0.79
C3 A1H0M B . -5.38 1.80 -0.45
C4 A1H0M B . -4.29 1.55 -1.22
C5 A1H0M B . -3.05 1.88 -0.70
C6 A1H0M B . -2.92 2.43 0.53
C7 A1H0M B . -4.01 2.69 1.31
N1 A1H0M B . -6.61 3.64 3.93
N2 A1H0M B . -6.34 2.67 1.73
S1 A1H0M B . -4.13 3.38 2.89
BR1 A1H0M B . -1.43 1.56 -1.70
H1 A1H0M B . -6.41 1.53 -0.86
H2 A1H0M B . -4.32 1.09 -2.24
H3 A1H0M B . -1.93 2.70 0.97
H4 A1H0M B . -6.51 4.45 4.50
H5 A1H0M B . -7.39 3.08 4.32
C1 A1H0M C . 6.77 -1.83 0.04
C2 A1H0M C . 4.66 -0.92 -0.02
C3 A1H0M C . 3.32 -0.73 0.11
C4 A1H0M C . 2.68 0.39 -0.28
C5 A1H0M C . 3.44 1.42 -0.83
C6 A1H0M C . 4.79 1.31 -0.99
C7 A1H0M C . 5.45 0.18 -0.61
N1 A1H0M C . 7.83 -2.63 0.23
N2 A1H0M C . 5.52 -2.02 0.32
S1 A1H0M C . 7.12 -0.19 -0.71
BR1 A1H0M C . 2.55 3.02 -1.39
H1 A1H0M C . 2.70 -1.57 0.56
H2 A1H0M C . 1.58 0.58 -0.20
H3 A1H0M C . 5.40 2.12 -1.44
H4 A1H0M C . 8.43 -3.10 -0.42
H5 A1H0M C . 8.13 -2.87 1.17
#